data_4AYP
#
_entry.id   4AYP
#
_cell.length_a   144.135
_cell.length_b   144.135
_cell.length_c   50.301
_cell.angle_alpha   90.00
_cell.angle_beta   90.00
_cell.angle_gamma   120.00
#
_symmetry.space_group_name_H-M   'H 3'
#
loop_
_entity.id
_entity.type
_entity.pdbx_description
1 polymer 'MANNOSYL-OLIGOSACCHARIDE 1,2-ALPHA-MANNOSIDASE'
2 branched 'alpha-D-mannopyranose-(1-2)-methyl 2-thio-alpha-D-mannopyranoside'
3 non-polymer 'CALCIUM ION'
4 non-polymer 'SODIUM ION'
5 water water
#
_entity_poly.entity_id   1
_entity_poly.type   'polypeptide(L)'
_entity_poly.pdbx_seq_one_letter_code
;MASETTPEDWKALAADVRSEFQWAWQGYVAKAWGKDEINPVSGTSRSFFIEGHDLGLSLVEALDTLWIMGLDAEFQAGVD
WVKANLSFDVDGNAQVFETNIRLVGGLLSAHLASGDPVLLAKARDLADRLAKAFEASPHGLPWRYVNLRTGAVSDPETNL
AEIGTYLSEFGVLSQLTGERKYFDMAKRAMRHTLDRRSKIGLMAANIHAMTGAFTSRNASIDVYADSFYEYLWDAWALFG
DEDCKRWAVECVDAQLAHQAKRYDGRLWFPMVDFETGAVTGTAQSELAAYYAGLLGQVGRKAQGDDYLASFTYLQATFGV
IPESIDVTTGQPRRKHTGLRPEYPDACLNLWLIDRDPRYRRLAAIHYREMKATSRAAFGYTALKDITTRPMTQDDNCPGY
WWSEQMKYYYLLFSDTPRIDYGQLQLSTEANVLRGFRKVLEHHHHHH
;
_entity_poly.pdbx_strand_id   A
#
# COMPACT_ATOMS: atom_id res chain seq x y z
N THR A 6 -6.01 -3.08 33.89
CA THR A 6 -5.86 -4.45 33.33
C THR A 6 -5.09 -4.47 32.01
N PRO A 7 -4.00 -5.25 31.94
CA PRO A 7 -3.18 -5.27 30.72
C PRO A 7 -3.93 -5.85 29.53
N GLU A 8 -3.65 -5.34 28.34
CA GLU A 8 -4.32 -5.85 27.16
C GLU A 8 -3.95 -7.31 26.93
N ASP A 9 -4.95 -8.14 26.67
CA ASP A 9 -4.73 -9.52 26.27
C ASP A 9 -4.58 -9.51 24.76
N TRP A 10 -3.34 -9.47 24.28
CA TRP A 10 -3.10 -9.33 22.84
C TRP A 10 -3.61 -10.50 22.05
N LYS A 11 -3.48 -11.71 22.59
CA LYS A 11 -3.96 -12.89 21.89
C LYS A 11 -5.48 -12.86 21.71
N ALA A 12 -6.20 -12.41 22.74
CA ALA A 12 -7.63 -12.26 22.61
C ALA A 12 -7.99 -11.19 21.57
N LEU A 13 -7.24 -10.08 21.53
CA LEU A 13 -7.51 -9.04 20.55
C LEU A 13 -7.26 -9.56 19.12
N ALA A 14 -6.19 -10.32 18.95
CA ALA A 14 -5.93 -10.95 17.66
C ALA A 14 -7.09 -11.87 17.24
N ALA A 15 -7.62 -12.66 18.19
CA ALA A 15 -8.73 -13.53 17.88
C ALA A 15 -9.96 -12.73 17.45
N ASP A 16 -10.17 -11.55 18.05
CA ASP A 16 -11.25 -10.68 17.66
C ASP A 16 -11.08 -10.16 16.21
N VAL A 17 -9.86 -9.73 15.89
CA VAL A 17 -9.56 -9.29 14.52
C VAL A 17 -9.89 -10.42 13.53
N ARG A 18 -9.43 -11.63 13.84
CA ARG A 18 -9.68 -12.78 12.97
C ARG A 18 -11.18 -13.05 12.82
N SER A 19 -11.93 -13.00 13.93
CA SER A 19 -13.37 -13.22 13.90
CA SER A 19 -13.36 -13.25 13.85
C SER A 19 -14.06 -12.18 13.01
N GLU A 20 -13.66 -10.92 13.17
CA GLU A 20 -14.23 -9.84 12.35
C GLU A 20 -13.87 -10.01 10.87
N PHE A 21 -12.66 -10.45 10.60
CA PHE A 21 -12.24 -10.65 9.20
C PHE A 21 -13.05 -11.78 8.57
N GLN A 22 -13.22 -12.89 9.30
CA GLN A 22 -14.01 -14.00 8.80
C GLN A 22 -15.47 -13.59 8.57
N TRP A 23 -16.03 -12.80 9.49
CA TRP A 23 -17.39 -12.28 9.33
C TRP A 23 -17.50 -11.41 8.07
N ALA A 24 -16.50 -10.54 7.85
CA ALA A 24 -16.51 -9.71 6.66
C ALA A 24 -16.41 -10.59 5.40
N TRP A 25 -15.53 -11.59 5.43
CA TRP A 25 -15.39 -12.52 4.31
C TRP A 25 -16.73 -13.18 3.98
N GLN A 26 -17.46 -13.60 5.01
CA GLN A 26 -18.77 -14.20 4.79
C GLN A 26 -19.71 -13.23 4.07
N GLY A 27 -19.64 -11.94 4.41
CA GLY A 27 -20.42 -10.93 3.71
C GLY A 27 -20.03 -10.82 2.24
N TYR A 28 -18.73 -10.82 1.97
CA TYR A 28 -18.23 -10.80 0.60
C TYR A 28 -18.74 -12.01 -0.21
N VAL A 29 -18.66 -13.20 0.38
CA VAL A 29 -19.14 -14.39 -0.29
C VAL A 29 -20.65 -14.25 -0.58
N ALA A 30 -21.41 -13.73 0.38
CA ALA A 30 -22.85 -13.64 0.21
C ALA A 30 -23.29 -12.61 -0.81
N LYS A 31 -22.57 -11.48 -0.90
CA LYS A 31 -23.06 -10.33 -1.66
C LYS A 31 -22.22 -9.95 -2.86
N ALA A 32 -20.97 -10.40 -2.93
CA ALA A 32 -20.03 -9.89 -3.91
C ALA A 32 -19.06 -10.96 -4.44
N TRP A 33 -19.49 -12.21 -4.48
CA TRP A 33 -18.55 -13.29 -4.80
C TRP A 33 -18.00 -13.14 -6.20
N GLY A 34 -16.68 -13.11 -6.33
CA GLY A 34 -16.03 -12.92 -7.64
C GLY A 34 -15.99 -11.48 -8.13
N LYS A 35 -16.56 -10.56 -7.36
CA LYS A 35 -16.64 -9.17 -7.75
C LYS A 35 -15.50 -8.37 -7.10
N ASP A 36 -15.27 -7.16 -7.60
CA ASP A 36 -14.09 -6.44 -7.15
C ASP A 36 -14.21 -5.93 -5.72
N GLU A 37 -15.30 -5.25 -5.37
CA GLU A 37 -15.46 -4.73 -4.02
C GLU A 37 -16.90 -4.92 -3.55
N ILE A 38 -17.05 -5.14 -2.25
CA ILE A 38 -18.35 -5.09 -1.62
C ILE A 38 -18.66 -3.66 -1.17
N ASN A 39 -19.94 -3.31 -1.32
CA ASN A 39 -20.57 -2.12 -0.76
C ASN A 39 -21.40 -2.64 0.42
N PRO A 40 -20.85 -2.58 1.66
CA PRO A 40 -21.41 -3.39 2.75
C PRO A 40 -22.59 -2.77 3.49
N VAL A 41 -22.98 -1.55 3.11
CA VAL A 41 -24.19 -0.92 3.67
C VAL A 41 -25.40 -1.37 2.83
N SER A 42 -25.30 -1.26 1.51
CA SER A 42 -26.35 -1.74 0.62
C SER A 42 -26.32 -3.25 0.44
N GLY A 43 -25.17 -3.89 0.67
CA GLY A 43 -25.04 -5.30 0.36
C GLY A 43 -25.00 -5.60 -1.13
N THR A 44 -24.22 -4.81 -1.86
CA THR A 44 -24.06 -4.94 -3.29
C THR A 44 -22.55 -4.98 -3.62
N SER A 45 -22.21 -5.07 -4.90
CA SER A 45 -20.83 -5.06 -5.33
C SER A 45 -20.57 -3.94 -6.32
N ARG A 46 -19.30 -3.58 -6.49
CA ARG A 46 -18.90 -2.67 -7.55
C ARG A 46 -17.61 -3.19 -8.21
N SER A 47 -17.42 -2.72 -9.42
CA SER A 47 -16.18 -2.97 -10.18
C SER A 47 -15.11 -1.95 -9.77
N PHE A 48 -13.85 -2.34 -9.95
CA PHE A 48 -12.71 -1.47 -9.66
C PHE A 48 -11.93 -1.12 -10.94
N PHE A 49 -11.38 -2.13 -11.63
CA PHE A 49 -10.49 -1.84 -12.75
C PHE A 49 -11.25 -1.46 -14.01
N ILE A 50 -12.22 -2.31 -14.38
CA ILE A 50 -12.94 -2.20 -15.63
C ILE A 50 -14.43 -2.34 -15.31
N GLU A 51 -15.21 -1.29 -15.56
CA GLU A 51 -16.64 -1.32 -15.20
C GLU A 51 -17.32 -2.50 -15.90
N GLY A 52 -17.99 -3.32 -15.10
CA GLY A 52 -18.70 -4.47 -15.62
C GLY A 52 -17.85 -5.69 -15.94
N HIS A 53 -16.53 -5.61 -15.75
CA HIS A 53 -15.66 -6.76 -15.95
C HIS A 53 -14.77 -6.93 -14.73
N ASP A 54 -15.38 -7.42 -13.67
CA ASP A 54 -14.70 -7.56 -12.40
C ASP A 54 -13.62 -8.65 -12.53
N LEU A 55 -12.62 -8.55 -11.65
CA LEU A 55 -11.46 -9.42 -11.61
C LEU A 55 -11.26 -10.00 -10.19
N GLY A 56 -12.34 -10.12 -9.42
CA GLY A 56 -12.24 -10.70 -8.09
C GLY A 56 -11.27 -9.94 -7.18
N LEU A 57 -11.18 -8.62 -7.33
CA LEU A 57 -10.13 -7.87 -6.65
C LEU A 57 -10.06 -8.19 -5.14
N SER A 58 -11.17 -7.99 -4.40
CA SER A 58 -11.07 -8.10 -2.94
C SER A 58 -10.75 -9.52 -2.51
N LEU A 59 -11.26 -10.49 -3.27
CA LEU A 59 -10.92 -11.90 -3.03
C LEU A 59 -9.42 -12.10 -3.12
N VAL A 60 -8.82 -11.60 -4.22
CA VAL A 60 -7.38 -11.74 -4.41
C VAL A 60 -6.61 -11.01 -3.28
N GLU A 61 -7.04 -9.80 -2.96
CA GLU A 61 -6.35 -9.01 -1.92
C GLU A 61 -6.37 -9.72 -0.57
N ALA A 62 -7.47 -10.42 -0.29
CA ALA A 62 -7.68 -11.07 1.01
C ALA A 62 -6.83 -12.32 1.21
N LEU A 63 -6.34 -12.93 0.12
CA LEU A 63 -5.83 -14.31 0.23
C LEU A 63 -4.72 -14.45 1.26
N ASP A 64 -3.66 -13.65 1.17
CA ASP A 64 -2.58 -13.85 2.13
C ASP A 64 -3.03 -13.58 3.57
N THR A 65 -3.90 -12.60 3.77
CA THR A 65 -4.44 -12.34 5.10
C THR A 65 -5.15 -13.58 5.66
N LEU A 66 -6.01 -14.18 4.84
CA LEU A 66 -6.74 -15.38 5.25
C LEU A 66 -5.76 -16.47 5.70
N TRP A 67 -4.73 -16.72 4.88
CA TRP A 67 -3.77 -17.77 5.22
C TRP A 67 -3.06 -17.45 6.53
N ILE A 68 -2.60 -16.21 6.68
CA ILE A 68 -1.86 -15.84 7.89
C ILE A 68 -2.72 -16.06 9.14
N MET A 69 -4.01 -15.76 9.04
CA MET A 69 -4.94 -15.93 10.14
C MET A 69 -5.35 -17.38 10.39
N GLY A 70 -4.91 -18.33 9.56
CA GLY A 70 -5.36 -19.69 9.71
C GLY A 70 -6.81 -19.90 9.33
N LEU A 71 -7.34 -19.03 8.45
CA LEU A 71 -8.67 -19.20 7.87
C LEU A 71 -8.49 -20.04 6.60
N ASP A 72 -8.13 -21.31 6.78
CA ASP A 72 -7.65 -22.13 5.69
C ASP A 72 -8.75 -22.49 4.70
N ALA A 73 -9.94 -22.82 5.19
CA ALA A 73 -11.03 -23.16 4.28
C ALA A 73 -11.37 -21.96 3.40
N GLU A 74 -11.40 -20.78 4.00
CA GLU A 74 -11.71 -19.55 3.27
C GLU A 74 -10.62 -19.26 2.23
N PHE A 75 -9.36 -19.36 2.66
CA PHE A 75 -8.21 -19.20 1.75
C PHE A 75 -8.36 -20.12 0.55
N GLN A 76 -8.61 -21.40 0.81
CA GLN A 76 -8.67 -22.36 -0.28
C GLN A 76 -9.86 -22.09 -1.20
N ALA A 77 -10.99 -21.64 -0.64
CA ALA A 77 -12.13 -21.27 -1.48
C ALA A 77 -11.74 -20.15 -2.42
N GLY A 78 -11.02 -19.16 -1.92
CA GLY A 78 -10.55 -18.08 -2.77
C GLY A 78 -9.55 -18.53 -3.82
N VAL A 79 -8.55 -19.30 -3.40
CA VAL A 79 -7.58 -19.82 -4.36
C VAL A 79 -8.28 -20.64 -5.46
N ASP A 80 -9.22 -21.49 -5.06
CA ASP A 80 -9.89 -22.32 -6.04
C ASP A 80 -10.72 -21.48 -7.02
N TRP A 81 -11.33 -20.39 -6.54
CA TRP A 81 -12.02 -19.47 -7.44
C TRP A 81 -11.04 -18.88 -8.44
N VAL A 82 -9.88 -18.42 -7.97
CA VAL A 82 -8.89 -17.83 -8.88
C VAL A 82 -8.51 -18.84 -9.96
N LYS A 83 -8.20 -20.07 -9.53
CA LYS A 83 -7.73 -21.06 -10.49
CA LYS A 83 -7.73 -21.10 -10.46
C LYS A 83 -8.77 -21.40 -11.54
N ALA A 84 -10.05 -21.43 -11.15
CA ALA A 84 -11.10 -21.76 -12.12
C ALA A 84 -11.49 -20.59 -13.01
N ASN A 85 -11.40 -19.35 -12.50
CA ASN A 85 -12.12 -18.22 -13.08
C ASN A 85 -11.29 -17.02 -13.52
N LEU A 86 -10.12 -16.79 -12.92
CA LEU A 86 -9.48 -15.48 -13.10
C LEU A 86 -8.61 -15.48 -14.38
N SER A 87 -8.96 -14.61 -15.30
CA SER A 87 -8.30 -14.43 -16.59
C SER A 87 -8.05 -12.96 -16.81
N PHE A 88 -6.94 -12.63 -17.45
CA PHE A 88 -6.60 -11.24 -17.75
C PHE A 88 -6.62 -10.95 -19.25
N ASP A 89 -7.14 -11.87 -20.04
CA ASP A 89 -7.29 -11.65 -21.47
C ASP A 89 -8.59 -10.86 -21.71
N VAL A 90 -8.53 -9.57 -21.42
CA VAL A 90 -9.70 -8.70 -21.35
C VAL A 90 -9.44 -7.43 -22.17
N ASP A 91 -10.37 -7.14 -23.10
CA ASP A 91 -10.27 -5.95 -23.95
C ASP A 91 -10.79 -4.74 -23.17
N GLY A 92 -9.96 -4.26 -22.26
CA GLY A 92 -10.28 -3.10 -21.44
C GLY A 92 -9.01 -2.54 -20.82
N ASN A 93 -9.09 -1.28 -20.40
CA ASN A 93 -7.96 -0.55 -19.85
C ASN A 93 -7.86 -0.76 -18.34
N ALA A 94 -6.65 -1.08 -17.90
CA ALA A 94 -6.36 -1.23 -16.47
C ALA A 94 -5.24 -0.27 -16.10
N GLN A 95 -5.37 0.33 -14.91
CA GLN A 95 -4.36 1.23 -14.41
C GLN A 95 -3.16 0.37 -13.94
N VAL A 96 -2.00 0.59 -14.55
CA VAL A 96 -0.83 -0.27 -14.38
C VAL A 96 -0.40 -0.37 -12.92
N PHE A 97 -0.33 0.78 -12.24
CA PHE A 97 0.10 0.81 -10.84
C PHE A 97 -0.81 -0.02 -9.94
N GLU A 98 -2.12 0.22 -10.04
CA GLU A 98 -3.07 -0.47 -9.17
C GLU A 98 -3.07 -1.98 -9.48
N THR A 99 -3.00 -2.30 -10.76
CA THR A 99 -3.03 -3.70 -11.18
C THR A 99 -1.82 -4.44 -10.60
N ASN A 100 -0.64 -3.81 -10.65
CA ASN A 100 0.54 -4.44 -10.07
C ASN A 100 0.41 -4.62 -8.55
N ILE A 101 0.15 -3.52 -7.83
CA ILE A 101 0.27 -3.64 -6.38
C ILE A 101 -0.85 -4.50 -5.80
N ARG A 102 -2.03 -4.52 -6.43
CA ARG A 102 -3.17 -5.26 -5.91
C ARG A 102 -3.23 -6.69 -6.44
N LEU A 103 -3.19 -6.86 -7.76
CA LEU A 103 -3.40 -8.18 -8.36
C LEU A 103 -2.09 -8.96 -8.52
N VAL A 104 -1.06 -8.38 -9.13
CA VAL A 104 0.21 -9.10 -9.21
C VAL A 104 0.71 -9.44 -7.79
N GLY A 105 0.71 -8.42 -6.92
CA GLY A 105 1.19 -8.65 -5.58
C GLY A 105 0.32 -9.61 -4.78
N GLY A 106 -1.01 -9.53 -4.97
CA GLY A 106 -1.92 -10.40 -4.22
C GLY A 106 -1.79 -11.86 -4.64
N LEU A 107 -1.58 -12.09 -5.93
CA LEU A 107 -1.33 -13.44 -6.43
C LEU A 107 0.03 -13.95 -5.96
N LEU A 108 1.05 -13.09 -5.94
CA LEU A 108 2.37 -13.52 -5.47
C LEU A 108 2.35 -13.93 -4.00
N SER A 109 1.71 -13.14 -3.14
CA SER A 109 1.68 -13.51 -1.73
C SER A 109 0.91 -14.81 -1.54
N ALA A 110 -0.20 -14.98 -2.26
CA ALA A 110 -0.96 -16.23 -2.17
C ALA A 110 -0.13 -17.42 -2.68
N HIS A 111 0.64 -17.20 -3.75
CA HIS A 111 1.55 -18.22 -4.24
C HIS A 111 2.60 -18.59 -3.21
N LEU A 112 3.21 -17.60 -2.57
CA LEU A 112 4.26 -17.89 -1.61
C LEU A 112 3.70 -18.62 -0.39
N ALA A 113 2.46 -18.32 0.02
CA ALA A 113 1.86 -18.99 1.17
C ALA A 113 1.56 -20.45 0.86
N SER A 114 1.06 -20.72 -0.34
CA SER A 114 0.48 -22.02 -0.70
C SER A 114 1.41 -22.93 -1.48
N GLY A 115 2.35 -22.35 -2.21
CA GLY A 115 3.14 -23.06 -3.19
C GLY A 115 2.45 -23.37 -4.50
N ASP A 116 1.23 -22.90 -4.72
CA ASP A 116 0.44 -23.37 -5.88
C ASP A 116 0.99 -22.73 -7.17
N PRO A 117 1.51 -23.52 -8.11
CA PRO A 117 2.09 -22.91 -9.31
CA PRO A 117 2.10 -22.93 -9.32
C PRO A 117 1.13 -22.07 -10.14
N VAL A 118 -0.17 -22.38 -10.09
CA VAL A 118 -1.12 -21.65 -10.93
C VAL A 118 -1.14 -20.17 -10.54
N LEU A 119 -1.00 -19.90 -9.24
CA LEU A 119 -1.02 -18.52 -8.78
C LEU A 119 0.18 -17.72 -9.33
N LEU A 120 1.35 -18.36 -9.39
CA LEU A 120 2.52 -17.74 -10.02
C LEU A 120 2.31 -17.57 -11.53
N ALA A 121 1.76 -18.59 -12.21
CA ALA A 121 1.49 -18.46 -13.63
C ALA A 121 0.60 -17.24 -13.91
N LYS A 122 -0.43 -17.05 -13.09
CA LYS A 122 -1.34 -15.92 -13.30
C LYS A 122 -0.68 -14.59 -12.99
N ALA A 123 0.12 -14.52 -11.93
CA ALA A 123 0.85 -13.30 -11.62
C ALA A 123 1.77 -12.92 -12.79
N ARG A 124 2.46 -13.92 -13.34
CA ARG A 124 3.39 -13.67 -14.42
C ARG A 124 2.67 -13.27 -15.71
N ASP A 125 1.57 -13.91 -16.02
CA ASP A 125 0.75 -13.53 -17.18
C ASP A 125 0.36 -12.06 -17.08
N LEU A 126 -0.08 -11.64 -15.89
CA LEU A 126 -0.51 -10.28 -15.70
C LEU A 126 0.68 -9.31 -15.83
N ALA A 127 1.81 -9.65 -15.22
CA ALA A 127 3.00 -8.82 -15.34
C ALA A 127 3.42 -8.63 -16.80
N ASP A 128 3.31 -9.71 -17.60
CA ASP A 128 3.65 -9.58 -19.01
C ASP A 128 2.71 -8.64 -19.75
N ARG A 129 1.44 -8.57 -19.36
CA ARG A 129 0.51 -7.61 -19.94
C ARG A 129 0.88 -6.19 -19.51
N LEU A 130 1.28 -6.01 -18.25
CA LEU A 130 1.72 -4.70 -17.78
C LEU A 130 3.03 -4.25 -18.42
N ALA A 131 3.91 -5.20 -18.75
CA ALA A 131 5.20 -4.87 -19.34
C ALA A 131 5.03 -4.04 -20.62
N LYS A 132 3.93 -4.24 -21.34
CA LYS A 132 3.71 -3.47 -22.55
CA LYS A 132 3.69 -3.46 -22.56
C LYS A 132 3.66 -1.96 -22.28
N ALA A 133 3.22 -1.56 -21.08
CA ALA A 133 3.17 -0.14 -20.74
C ALA A 133 4.56 0.47 -20.57
N PHE A 134 5.52 -0.33 -20.11
CA PHE A 134 6.92 0.10 -19.98
C PHE A 134 7.59 0.14 -21.37
N GLU A 135 7.29 -0.88 -22.19
CA GLU A 135 7.87 -1.00 -23.51
C GLU A 135 7.44 0.13 -24.44
N ALA A 136 6.30 0.75 -24.17
CA ALA A 136 5.75 1.84 -24.97
C ALA A 136 6.44 3.18 -24.70
N SER A 137 7.39 3.22 -23.77
CA SER A 137 8.18 4.42 -23.48
C SER A 137 9.63 4.19 -23.87
N PRO A 138 10.27 5.13 -24.58
CA PRO A 138 11.68 4.96 -24.90
C PRO A 138 12.58 5.00 -23.66
N HIS A 139 12.05 5.51 -22.54
CA HIS A 139 12.74 5.62 -21.26
CA HIS A 139 12.77 5.61 -21.27
C HIS A 139 12.46 4.44 -20.35
N GLY A 140 11.52 3.58 -20.73
CA GLY A 140 11.08 2.52 -19.84
C GLY A 140 10.20 2.99 -18.70
N LEU A 141 9.63 4.20 -18.82
CA LEU A 141 8.70 4.72 -17.82
C LEU A 141 7.29 4.26 -18.22
N PRO A 142 6.57 3.52 -17.35
CA PRO A 142 5.28 2.99 -17.81
C PRO A 142 4.24 4.08 -18.00
N TRP A 143 3.49 3.95 -19.10
CA TRP A 143 2.23 4.66 -19.25
C TRP A 143 1.27 4.25 -18.13
N ARG A 144 0.30 5.10 -17.81
CA ARG A 144 -0.54 4.84 -16.65
C ARG A 144 -1.55 3.73 -16.88
N TYR A 145 -2.06 3.59 -18.09
CA TYR A 145 -3.09 2.61 -18.42
C TYR A 145 -2.64 1.75 -19.59
N VAL A 146 -3.03 0.48 -19.54
CA VAL A 146 -2.78 -0.45 -20.63
C VAL A 146 -4.01 -1.31 -20.86
N ASN A 147 -4.30 -1.61 -22.13
CA ASN A 147 -5.34 -2.57 -22.45
C ASN A 147 -4.76 -3.96 -22.21
N LEU A 148 -5.42 -4.74 -21.36
CA LEU A 148 -4.87 -6.04 -20.94
C LEU A 148 -4.75 -7.03 -22.08
N ARG A 149 -5.63 -6.94 -23.08
CA ARG A 149 -5.59 -7.81 -24.26
C ARG A 149 -4.65 -7.27 -25.33
N THR A 150 -4.79 -5.99 -25.68
CA THR A 150 -4.15 -5.49 -26.91
C THR A 150 -2.81 -4.81 -26.68
N GLY A 151 -2.51 -4.41 -25.45
CA GLY A 151 -1.29 -3.68 -25.17
C GLY A 151 -1.35 -2.19 -25.46
N ALA A 152 -2.49 -1.67 -25.93
CA ALA A 152 -2.58 -0.24 -26.22
C ALA A 152 -2.45 0.56 -24.93
N VAL A 153 -1.71 1.66 -24.98
CA VAL A 153 -1.47 2.47 -23.80
C VAL A 153 -2.21 3.79 -23.85
N SER A 154 -2.42 4.36 -22.68
CA SER A 154 -2.99 5.70 -22.57
CA SER A 154 -3.05 5.67 -22.55
C SER A 154 -2.51 6.37 -21.30
N ASP A 155 -2.41 7.69 -21.40
CA ASP A 155 -2.04 8.63 -20.34
C ASP A 155 -0.59 8.49 -19.86
N PRO A 156 0.33 9.23 -20.50
CA PRO A 156 1.74 9.20 -20.10
C PRO A 156 2.08 10.26 -19.06
N GLU A 157 1.12 11.05 -18.60
CA GLU A 157 1.39 12.09 -17.61
C GLU A 157 1.26 11.45 -16.21
N THR A 158 2.37 10.89 -15.78
CA THR A 158 2.41 9.99 -14.65
C THR A 158 3.19 10.61 -13.49
N ASN A 159 3.63 9.77 -12.55
CA ASN A 159 4.16 10.25 -11.29
C ASN A 159 5.08 9.19 -10.71
N LEU A 160 5.87 9.57 -9.71
CA LEU A 160 6.86 8.68 -9.14
C LEU A 160 6.23 7.39 -8.62
N ALA A 161 5.10 7.48 -7.92
CA ALA A 161 4.50 6.25 -7.41
C ALA A 161 4.13 5.32 -8.56
N GLU A 162 3.55 5.88 -9.63
CA GLU A 162 3.05 5.07 -10.73
C GLU A 162 4.13 4.65 -11.72
N ILE A 163 5.37 5.15 -11.60
CA ILE A 163 6.49 4.60 -12.35
CA ILE A 163 6.50 4.61 -12.37
C ILE A 163 7.44 3.75 -11.50
N GLY A 164 7.27 3.79 -10.18
CA GLY A 164 8.28 3.29 -9.25
C GLY A 164 7.78 2.42 -8.11
N THR A 165 6.62 1.77 -8.31
CA THR A 165 6.06 0.85 -7.32
C THR A 165 5.82 -0.53 -7.95
N TYR A 166 6.91 -1.06 -8.52
CA TYR A 166 6.90 -2.35 -9.21
C TYR A 166 8.03 -3.27 -8.79
N LEU A 167 9.15 -2.72 -8.28
CA LEU A 167 10.36 -3.51 -8.13
C LEU A 167 10.18 -4.67 -7.14
N SER A 168 9.34 -4.52 -6.11
CA SER A 168 9.18 -5.64 -5.18
C SER A 168 8.50 -6.83 -5.86
N GLU A 169 7.35 -6.58 -6.50
CA GLU A 169 6.61 -7.65 -7.14
C GLU A 169 7.38 -8.21 -8.34
N PHE A 170 7.92 -7.30 -9.16
CA PHE A 170 8.67 -7.71 -10.34
C PHE A 170 9.97 -8.43 -9.95
N GLY A 171 10.63 -7.95 -8.90
CA GLY A 171 11.85 -8.60 -8.44
C GLY A 171 11.59 -10.00 -7.88
N VAL A 172 10.49 -10.17 -7.16
CA VAL A 172 10.07 -11.49 -6.71
C VAL A 172 9.76 -12.37 -7.91
N LEU A 173 9.04 -11.84 -8.92
CA LEU A 173 8.85 -12.61 -10.17
CA LEU A 173 8.84 -12.60 -10.14
C LEU A 173 10.17 -13.05 -10.76
N SER A 174 11.16 -12.17 -10.82
CA SER A 174 12.45 -12.57 -11.36
C SER A 174 13.09 -13.69 -10.54
N GLN A 175 13.03 -13.59 -9.22
CA GLN A 175 13.60 -14.64 -8.37
C GLN A 175 12.92 -15.99 -8.61
N LEU A 176 11.59 -15.97 -8.67
CA LEU A 176 10.83 -17.22 -8.77
C LEU A 176 10.94 -17.85 -10.16
N THR A 177 10.91 -17.02 -11.20
CA THR A 177 10.88 -17.50 -12.58
C THR A 177 12.28 -17.79 -13.13
N GLY A 178 13.28 -17.09 -12.61
CA GLY A 178 14.62 -17.09 -13.18
C GLY A 178 14.85 -16.05 -14.26
N GLU A 179 13.80 -15.29 -14.64
CA GLU A 179 13.92 -14.32 -15.72
C GLU A 179 14.15 -12.94 -15.14
N ARG A 180 15.33 -12.40 -15.36
CA ARG A 180 15.74 -11.11 -14.78
C ARG A 180 15.02 -9.92 -15.40
N LYS A 181 14.33 -10.13 -16.52
CA LYS A 181 13.74 -9.00 -17.23
C LYS A 181 12.79 -8.17 -16.36
N TYR A 182 12.05 -8.81 -15.45
CA TYR A 182 11.07 -8.08 -14.61
C TYR A 182 11.80 -7.12 -13.68
N PHE A 183 12.74 -7.63 -12.89
CA PHE A 183 13.56 -6.80 -12.02
C PHE A 183 14.16 -5.63 -12.81
N ASP A 184 14.77 -5.95 -13.96
CA ASP A 184 15.49 -4.92 -14.72
C ASP A 184 14.54 -3.82 -15.19
N MET A 185 13.36 -4.21 -15.67
CA MET A 185 12.40 -3.25 -16.15
CA MET A 185 12.40 -3.25 -16.15
C MET A 185 11.95 -2.29 -15.03
N ALA A 186 11.67 -2.83 -13.86
CA ALA A 186 11.25 -2.00 -12.75
C ALA A 186 12.38 -1.07 -12.30
N LYS A 187 13.59 -1.60 -12.16
CA LYS A 187 14.70 -0.79 -11.65
C LYS A 187 15.04 0.34 -12.63
N ARG A 188 14.99 0.06 -13.94
CA ARG A 188 15.33 1.07 -14.94
C ARG A 188 14.45 2.32 -14.78
N ALA A 189 13.16 2.14 -14.57
CA ALA A 189 12.26 3.28 -14.42
C ALA A 189 12.62 4.14 -13.20
N MET A 190 12.99 3.49 -12.09
CA MET A 190 13.40 4.23 -10.90
C MET A 190 14.71 4.98 -11.11
N ARG A 191 15.68 4.33 -11.76
CA ARG A 191 16.96 4.99 -12.02
C ARG A 191 16.75 6.26 -12.85
N HIS A 192 15.80 6.22 -13.78
CA HIS A 192 15.55 7.38 -14.64
CA HIS A 192 15.56 7.38 -14.65
C HIS A 192 15.29 8.64 -13.83
N THR A 193 14.38 8.55 -12.87
CA THR A 193 14.04 9.74 -12.11
C THR A 193 15.11 10.09 -11.07
N LEU A 194 15.76 9.07 -10.51
CA LEU A 194 16.85 9.33 -9.55
C LEU A 194 18.00 10.08 -10.23
N ASP A 195 18.27 9.76 -11.50
CA ASP A 195 19.31 10.45 -12.24
C ASP A 195 18.98 11.92 -12.49
N ARG A 196 17.72 12.31 -12.32
CA ARG A 196 17.24 13.67 -12.51
C ARG A 196 16.98 14.39 -11.19
N ARG A 197 17.51 13.85 -10.08
CA ARG A 197 17.47 14.60 -8.83
C ARG A 197 18.14 15.95 -9.00
N SER A 198 17.60 16.93 -8.28
CA SER A 198 18.17 18.26 -8.23
C SER A 198 19.46 18.25 -7.40
N LYS A 199 20.10 19.41 -7.36
CA LYS A 199 21.30 19.56 -6.53
C LYS A 199 21.01 19.40 -5.03
N ILE A 200 19.76 19.57 -4.59
CA ILE A 200 19.38 19.32 -3.19
C ILE A 200 18.82 17.90 -2.98
N GLY A 201 18.88 17.05 -4.00
CA GLY A 201 18.61 15.64 -3.82
C GLY A 201 17.16 15.21 -3.95
N LEU A 202 16.32 16.08 -4.50
CA LEU A 202 14.89 15.82 -4.61
C LEU A 202 14.48 15.60 -6.08
N MET A 203 13.41 14.85 -6.25
CA MET A 203 12.74 14.68 -7.54
C MET A 203 11.38 15.33 -7.47
N ALA A 204 10.93 15.95 -8.56
CA ALA A 204 9.52 16.33 -8.65
C ALA A 204 8.67 15.05 -8.76
N ALA A 205 7.43 15.16 -8.29
CA ALA A 205 6.56 13.98 -8.21
C ALA A 205 5.96 13.58 -9.56
N ASN A 206 5.87 14.53 -10.49
CA ASN A 206 5.14 14.37 -11.74
C ASN A 206 6.15 14.24 -12.89
N ILE A 207 5.98 13.18 -13.70
CA ILE A 207 6.93 12.85 -14.73
C ILE A 207 6.18 12.35 -15.97
N HIS A 208 6.71 12.70 -17.15
CA HIS A 208 6.09 12.31 -18.42
C HIS A 208 6.77 11.08 -18.98
N ALA A 209 6.00 10.04 -19.29
CA ALA A 209 6.58 8.79 -19.75
C ALA A 209 7.27 8.89 -21.10
N MET A 210 6.85 9.81 -21.96
CA MET A 210 7.45 9.93 -23.29
C MET A 210 8.59 10.94 -23.36
N THR A 211 8.44 12.11 -22.76
CA THR A 211 9.55 13.06 -22.78
C THR A 211 10.62 12.68 -21.76
N GLY A 212 10.24 11.93 -20.72
CA GLY A 212 11.16 11.62 -19.63
C GLY A 212 11.45 12.77 -18.70
N ALA A 213 10.75 13.91 -18.86
CA ALA A 213 10.98 15.12 -18.08
C ALA A 213 9.94 15.28 -16.98
N PHE A 214 10.33 15.94 -15.90
CA PHE A 214 9.37 16.33 -14.89
C PHE A 214 8.34 17.31 -15.49
N THR A 215 7.10 17.17 -15.02
CA THR A 215 6.00 18.00 -15.48
C THR A 215 5.45 18.91 -14.38
N SER A 216 6.08 18.90 -13.21
CA SER A 216 5.83 19.90 -12.16
C SER A 216 7.16 20.17 -11.50
N ARG A 217 7.14 21.11 -10.56
CA ARG A 217 8.32 21.40 -9.74
C ARG A 217 8.15 20.91 -8.31
N ASN A 218 7.08 20.17 -7.99
CA ASN A 218 6.79 19.81 -6.60
C ASN A 218 7.39 18.48 -6.18
N ALA A 219 8.34 18.53 -5.27
CA ALA A 219 8.79 17.33 -4.55
C ALA A 219 7.81 17.03 -3.43
N SER A 220 7.54 15.74 -3.25
CA SER A 220 6.56 15.30 -2.27
C SER A 220 7.02 13.98 -1.64
N ILE A 221 6.59 13.76 -0.39
CA ILE A 221 6.67 12.43 0.22
C ILE A 221 5.32 11.71 0.14
N ASP A 222 4.31 12.38 -0.39
CA ASP A 222 2.91 12.05 -0.18
C ASP A 222 2.33 11.38 -1.44
N VAL A 223 1.03 11.47 -1.62
CA VAL A 223 0.36 10.80 -2.72
CA VAL A 223 0.33 10.82 -2.72
C VAL A 223 1.03 11.20 -4.03
N TYR A 224 1.17 10.21 -4.91
CA TYR A 224 1.83 10.32 -6.23
C TYR A 224 3.34 10.22 -6.15
N ALA A 225 3.89 10.01 -4.96
CA ALA A 225 5.33 9.87 -4.79
C ALA A 225 5.69 8.73 -3.83
N ASP A 226 5.21 8.86 -2.59
CA ASP A 226 5.28 7.90 -1.48
C ASP A 226 5.96 6.55 -1.76
N SER A 227 5.25 5.62 -2.39
CA SER A 227 5.74 4.25 -2.44
C SER A 227 7.00 4.07 -3.28
N PHE A 228 7.36 5.03 -4.14
CA PHE A 228 8.67 5.00 -4.79
C PHE A 228 9.77 4.86 -3.73
N TYR A 229 9.65 5.69 -2.69
CA TYR A 229 10.68 5.75 -1.65
C TYR A 229 10.72 4.45 -0.83
N GLU A 230 9.53 3.88 -0.56
CA GLU A 230 9.47 2.56 0.08
C GLU A 230 10.20 1.53 -0.76
N TYR A 231 9.93 1.51 -2.07
CA TYR A 231 10.42 0.40 -2.88
C TYR A 231 11.94 0.46 -3.08
N LEU A 232 12.55 1.64 -2.91
CA LEU A 232 14.02 1.69 -2.85
C LEU A 232 14.52 0.85 -1.67
N TRP A 233 14.01 1.14 -0.45
CA TRP A 233 14.45 0.36 0.70
C TRP A 233 14.08 -1.11 0.56
N ASP A 234 12.85 -1.36 0.10
CA ASP A 234 12.37 -2.73 0.04
C ASP A 234 13.21 -3.58 -0.92
N ALA A 235 13.75 -2.97 -1.98
CA ALA A 235 14.58 -3.72 -2.92
C ALA A 235 15.94 -4.08 -2.29
N TRP A 236 16.47 -3.21 -1.45
CA TRP A 236 17.62 -3.58 -0.64
C TRP A 236 17.27 -4.77 0.25
N ALA A 237 16.14 -4.67 0.96
CA ALA A 237 15.78 -5.71 1.91
C ALA A 237 15.51 -7.05 1.24
N LEU A 238 14.79 -7.03 0.11
CA LEU A 238 14.38 -8.26 -0.57
C LEU A 238 15.48 -8.85 -1.45
N PHE A 239 16.25 -7.98 -2.13
CA PHE A 239 17.14 -8.44 -3.19
C PHE A 239 18.60 -8.13 -2.93
N GLY A 240 18.91 -7.41 -1.85
CA GLY A 240 20.28 -7.02 -1.59
C GLY A 240 20.83 -6.01 -2.57
N ASP A 241 19.96 -5.23 -3.23
CA ASP A 241 20.40 -4.32 -4.27
C ASP A 241 21.09 -3.11 -3.65
N GLU A 242 22.38 -2.97 -3.93
CA GLU A 242 23.19 -1.92 -3.34
CA GLU A 242 23.20 -1.92 -3.35
C GLU A 242 22.83 -0.54 -3.87
N ASP A 243 22.45 -0.41 -5.13
CA ASP A 243 22.03 0.89 -5.64
C ASP A 243 20.80 1.38 -4.85
N CYS A 244 19.82 0.49 -4.69
CA CYS A 244 18.60 0.87 -3.99
C CYS A 244 18.84 1.20 -2.52
N LYS A 245 19.75 0.49 -1.87
CA LYS A 245 20.11 0.82 -0.49
C LYS A 245 20.63 2.26 -0.40
N ARG A 246 21.54 2.61 -1.30
CA ARG A 246 22.11 3.94 -1.35
C ARG A 246 21.03 4.98 -1.65
N TRP A 247 20.25 4.73 -2.68
CA TRP A 247 19.21 5.66 -3.11
C TRP A 247 18.18 5.89 -2.03
N ALA A 248 17.79 4.84 -1.31
CA ALA A 248 16.77 4.97 -0.26
C ALA A 248 17.20 5.98 0.79
N VAL A 249 18.44 5.83 1.27
CA VAL A 249 18.94 6.69 2.33
C VAL A 249 19.18 8.10 1.79
N GLU A 250 19.75 8.22 0.60
CA GLU A 250 19.97 9.55 0.01
C GLU A 250 18.65 10.31 -0.12
N CYS A 251 17.62 9.64 -0.63
CA CYS A 251 16.35 10.32 -0.84
C CYS A 251 15.73 10.78 0.47
N VAL A 252 15.75 9.91 1.49
CA VAL A 252 15.17 10.23 2.77
C VAL A 252 15.96 11.35 3.44
N ASP A 253 17.29 11.31 3.38
CA ASP A 253 17.99 12.37 4.03
CA ASP A 253 18.17 12.40 3.94
C ASP A 253 17.76 13.74 3.31
N ALA A 254 17.55 13.74 1.99
CA ALA A 254 17.20 14.99 1.29
C ALA A 254 15.83 15.51 1.75
N GLN A 255 14.88 14.59 1.94
CA GLN A 255 13.56 14.95 2.44
C GLN A 255 13.65 15.51 3.88
N LEU A 256 14.45 14.87 4.71
CA LEU A 256 14.60 15.37 6.08
C LEU A 256 15.26 16.75 6.08
N ALA A 257 16.20 17.01 5.16
CA ALA A 257 16.86 18.31 5.11
C ALA A 257 15.96 19.41 4.58
N HIS A 258 15.10 19.10 3.60
CA HIS A 258 14.40 20.15 2.84
C HIS A 258 12.91 20.14 2.96
N GLN A 259 12.30 19.01 3.36
CA GLN A 259 10.85 18.94 3.52
C GLN A 259 10.36 18.87 4.96
N ALA A 260 11.19 18.44 5.89
CA ALA A 260 10.76 18.37 7.29
C ALA A 260 10.57 19.79 7.82
N LYS A 261 9.35 20.10 8.27
CA LYS A 261 9.00 21.42 8.77
C LYS A 261 8.15 21.21 10.00
N ARG A 262 8.29 22.07 11.00
CA ARG A 262 7.43 22.00 12.16
C ARG A 262 6.39 23.12 12.12
N TYR A 263 5.17 22.76 12.50
CA TYR A 263 4.07 23.70 12.63
C TYR A 263 3.41 23.39 13.97
N ASP A 264 3.27 24.39 14.82
CA ASP A 264 2.68 24.22 16.13
C ASP A 264 3.30 23.05 16.91
N GLY A 265 4.62 22.92 16.77
CA GLY A 265 5.38 21.92 17.50
C GLY A 265 5.40 20.53 16.90
N ARG A 266 4.68 20.31 15.80
CA ARG A 266 4.54 18.98 15.22
C ARG A 266 5.26 18.91 13.87
N LEU A 267 5.84 17.74 13.59
CA LEU A 267 6.56 17.49 12.36
C LEU A 267 5.59 17.17 11.20
N TRP A 268 5.77 17.86 10.09
CA TRP A 268 5.08 17.57 8.83
C TRP A 268 6.08 17.63 7.69
N PHE A 269 5.67 17.14 6.52
CA PHE A 269 6.49 17.12 5.31
C PHE A 269 5.67 17.69 4.15
N PRO A 270 5.49 19.01 4.11
CA PRO A 270 4.78 19.61 2.98
C PRO A 270 5.59 19.48 1.69
N MET A 271 4.92 19.68 0.56
CA MET A 271 5.59 19.75 -0.72
CA MET A 271 5.61 19.74 -0.71
C MET A 271 6.48 20.98 -0.80
N VAL A 272 7.58 20.84 -1.51
CA VAL A 272 8.50 21.94 -1.75
C VAL A 272 8.95 21.95 -3.21
N ASP A 273 9.45 23.09 -3.65
CA ASP A 273 10.08 23.16 -4.98
C ASP A 273 11.30 22.25 -4.99
N PHE A 274 11.37 21.34 -5.96
CA PHE A 274 12.37 20.30 -5.92
C PHE A 274 13.80 20.82 -6.06
N GLU A 275 13.97 22.03 -6.61
CA GLU A 275 15.28 22.65 -6.74
C GLU A 275 15.57 23.67 -5.65
N THR A 276 14.59 24.51 -5.29
CA THR A 276 14.88 25.61 -4.38
C THR A 276 14.56 25.29 -2.92
N GLY A 277 13.70 24.30 -2.68
CA GLY A 277 13.26 23.99 -1.33
C GLY A 277 12.18 24.92 -0.79
N ALA A 278 11.71 25.88 -1.58
CA ALA A 278 10.62 26.74 -1.11
C ALA A 278 9.36 25.91 -0.91
N VAL A 279 8.64 26.14 0.18
CA VAL A 279 7.41 25.39 0.41
C VAL A 279 6.37 25.75 -0.66
N THR A 280 5.74 24.72 -1.24
CA THR A 280 4.79 24.91 -2.33
C THR A 280 3.41 24.37 -2.00
N GLY A 281 3.22 23.82 -0.82
CA GLY A 281 1.90 23.38 -0.39
C GLY A 281 1.73 23.40 1.10
N THR A 282 0.48 23.30 1.53
CA THR A 282 0.14 23.26 2.94
C THR A 282 -0.66 22.02 3.31
N ALA A 283 -0.91 21.10 2.38
CA ALA A 283 -1.71 19.91 2.69
C ALA A 283 -0.80 18.71 3.04
N GLN A 284 -1.33 17.83 3.87
CA GLN A 284 -0.75 16.50 4.08
C GLN A 284 -1.90 15.51 4.11
N SER A 285 -1.79 14.42 3.35
CA SER A 285 -2.83 13.40 3.39
C SER A 285 -2.58 12.41 4.52
N GLU A 286 -3.64 11.68 4.89
CA GLU A 286 -3.50 10.58 5.83
C GLU A 286 -2.49 9.55 5.35
N LEU A 287 -2.39 9.40 4.02
CA LEU A 287 -1.60 8.32 3.45
C LEU A 287 -0.11 8.51 3.71
N ALA A 288 0.30 9.73 4.04
CA ALA A 288 1.69 10.03 4.33
C ALA A 288 2.18 9.34 5.61
N ALA A 289 1.27 8.80 6.42
CA ALA A 289 1.68 8.12 7.64
C ALA A 289 2.61 6.95 7.34
N TYR A 290 2.56 6.36 6.14
CA TYR A 290 3.50 5.29 5.80
C TYR A 290 4.95 5.71 6.11
N TYR A 291 5.23 7.00 5.94
CA TYR A 291 6.60 7.50 5.97
C TYR A 291 7.20 7.37 7.37
N ALA A 292 6.36 7.40 8.41
CA ALA A 292 6.89 7.21 9.76
C ALA A 292 7.58 5.83 9.86
N GLY A 293 6.94 4.81 9.27
CA GLY A 293 7.54 3.49 9.25
C GLY A 293 8.78 3.40 8.37
N LEU A 294 8.74 4.01 7.18
CA LEU A 294 9.90 4.01 6.31
C LEU A 294 11.10 4.68 6.98
N LEU A 295 10.86 5.80 7.66
CA LEU A 295 11.94 6.48 8.40
C LEU A 295 12.60 5.50 9.37
N GLY A 296 11.81 4.74 10.12
CA GLY A 296 12.42 3.73 11.00
C GLY A 296 13.22 2.69 10.24
N GLN A 297 12.66 2.18 9.15
CA GLN A 297 13.32 1.13 8.37
C GLN A 297 14.71 1.55 7.89
N VAL A 298 14.85 2.81 7.44
CA VAL A 298 16.10 3.24 6.84
C VAL A 298 17.10 3.74 7.88
N GLY A 299 16.79 3.60 9.17
CA GLY A 299 17.72 3.98 10.22
C GLY A 299 17.53 5.40 10.72
N ARG A 300 16.30 5.91 10.65
CA ARG A 300 15.91 7.23 11.13
C ARG A 300 14.70 7.07 12.06
N LYS A 301 14.84 6.19 13.05
CA LYS A 301 13.74 5.84 13.95
CA LYS A 301 13.71 5.87 13.90
C LYS A 301 13.23 7.02 14.78
N ALA A 302 14.14 7.84 15.34
CA ALA A 302 13.67 8.95 16.17
C ALA A 302 12.79 9.88 15.34
N GLN A 303 13.20 10.16 14.11
CA GLN A 303 12.44 11.01 13.22
CA GLN A 303 12.42 11.02 13.23
C GLN A 303 11.11 10.33 12.82
N GLY A 304 11.15 9.02 12.60
CA GLY A 304 9.94 8.27 12.33
C GLY A 304 8.94 8.34 13.47
N ASP A 305 9.42 8.20 14.72
CA ASP A 305 8.54 8.33 15.87
C ASP A 305 7.97 9.75 15.99
N ASP A 306 8.79 10.76 15.69
CA ASP A 306 8.31 12.14 15.72
C ASP A 306 7.17 12.31 14.70
N TYR A 307 7.35 11.74 13.50
CA TYR A 307 6.29 11.88 12.49
C TYR A 307 5.05 11.08 12.87
N LEU A 308 5.24 9.86 13.40
CA LEU A 308 4.09 9.08 13.88
C LEU A 308 3.27 9.91 14.87
N ALA A 309 3.96 10.64 15.76
CA ALA A 309 3.29 11.43 16.78
C ALA A 309 2.34 12.46 16.17
N SER A 310 2.66 13.00 14.99
CA SER A 310 1.75 13.93 14.32
C SER A 310 0.42 13.24 13.99
N PHE A 311 0.49 12.00 13.50
CA PHE A 311 -0.72 11.24 13.22
C PHE A 311 -1.43 10.75 14.47
N THR A 312 -0.67 10.44 15.52
CA THR A 312 -1.27 10.07 16.79
C THR A 312 -2.12 11.24 17.33
N TYR A 313 -1.61 12.46 17.17
CA TYR A 313 -2.35 13.68 17.50
C TYR A 313 -3.65 13.76 16.71
N LEU A 314 -3.60 13.49 15.40
CA LEU A 314 -4.82 13.51 14.61
C LEU A 314 -5.83 12.45 15.08
N GLN A 315 -5.35 11.25 15.40
CA GLN A 315 -6.24 10.20 15.88
C GLN A 315 -6.87 10.58 17.23
N ALA A 316 -6.06 11.10 18.15
CA ALA A 316 -6.60 11.48 19.47
C ALA A 316 -7.60 12.62 19.36
N THR A 317 -7.36 13.54 18.43
CA THR A 317 -8.19 14.73 18.31
C THR A 317 -9.48 14.45 17.54
N PHE A 318 -9.37 13.74 16.42
CA PHE A 318 -10.47 13.58 15.47
C PHE A 318 -11.06 12.17 15.48
N GLY A 319 -10.46 11.21 16.20
CA GLY A 319 -10.97 9.85 16.27
C GLY A 319 -10.45 9.01 15.10
N VAL A 320 -10.95 9.37 13.91
CA VAL A 320 -10.42 8.87 12.63
C VAL A 320 -9.48 9.96 12.09
N ILE A 321 -8.33 9.54 11.57
CA ILE A 321 -7.39 10.49 11.00
C ILE A 321 -8.02 11.12 9.76
N PRO A 322 -8.10 12.46 9.68
CA PRO A 322 -8.68 13.08 8.49
C PRO A 322 -7.94 12.68 7.21
N GLU A 323 -8.71 12.57 6.13
CA GLU A 323 -8.14 12.16 4.85
C GLU A 323 -7.06 13.14 4.37
N SER A 324 -7.23 14.42 4.68
CA SER A 324 -6.25 15.45 4.40
C SER A 324 -6.36 16.51 5.49
N ILE A 325 -5.22 17.10 5.85
CA ILE A 325 -5.17 18.20 6.80
C ILE A 325 -4.36 19.34 6.20
N ASP A 326 -4.58 20.53 6.78
CA ASP A 326 -3.76 21.70 6.52
C ASP A 326 -2.69 21.71 7.61
N VAL A 327 -1.42 21.58 7.21
CA VAL A 327 -0.32 21.48 8.18
C VAL A 327 -0.16 22.76 9.01
N THR A 328 -0.61 23.89 8.47
CA THR A 328 -0.42 25.16 9.16
C THR A 328 -1.39 25.32 10.33
N THR A 329 -2.50 24.60 10.31
CA THR A 329 -3.48 24.66 11.39
C THR A 329 -3.68 23.33 12.13
N GLY A 330 -3.29 22.23 11.51
CA GLY A 330 -3.51 20.93 12.10
C GLY A 330 -4.94 20.47 12.05
N GLN A 331 -5.76 21.08 11.17
CA GLN A 331 -7.20 20.81 11.06
C GLN A 331 -7.56 20.10 9.73
N PRO A 332 -8.74 19.41 9.69
CA PRO A 332 -9.15 18.70 8.46
C PRO A 332 -9.41 19.63 7.29
N ARG A 333 -9.06 19.14 6.10
CA ARG A 333 -9.42 19.75 4.82
C ARG A 333 -10.56 19.01 4.12
N ARG A 334 -10.83 17.79 4.56
CA ARG A 334 -11.87 16.95 3.98
C ARG A 334 -12.57 16.22 5.13
N LYS A 335 -13.86 15.88 4.95
CA LYS A 335 -14.63 15.21 5.99
C LYS A 335 -14.84 13.72 5.73
N HIS A 336 -14.70 13.28 4.48
CA HIS A 336 -14.88 11.88 4.12
CA HIS A 336 -14.87 11.86 4.13
C HIS A 336 -13.57 11.14 4.32
N THR A 337 -13.64 9.80 4.29
CA THR A 337 -12.45 8.98 4.39
C THR A 337 -12.48 7.83 3.36
N GLY A 338 -11.32 7.23 3.21
CA GLY A 338 -11.18 6.03 2.43
C GLY A 338 -10.91 4.77 3.27
N LEU A 339 -11.32 4.72 4.55
CA LEU A 339 -11.07 3.53 5.39
C LEU A 339 -9.58 3.13 5.27
N ARG A 340 -8.73 4.10 5.62
CA ARG A 340 -7.34 4.04 5.23
C ARG A 340 -6.45 3.28 6.23
N PRO A 341 -5.43 2.58 5.72
CA PRO A 341 -4.60 1.69 6.53
C PRO A 341 -3.23 2.22 6.98
N GLU A 342 -2.84 3.45 6.61
CA GLU A 342 -1.43 3.80 6.75
C GLU A 342 -0.96 3.99 8.20
N TYR A 343 -1.85 4.29 9.14
CA TYR A 343 -1.41 4.43 10.52
C TYR A 343 -0.98 3.07 11.11
N PRO A 344 -1.80 2.00 11.03
CA PRO A 344 -1.30 0.71 11.52
C PRO A 344 -0.15 0.16 10.67
N ASP A 345 -0.05 0.56 9.39
CA ASP A 345 1.14 0.26 8.57
C ASP A 345 2.40 0.76 9.30
N ALA A 346 2.41 2.05 9.63
CA ALA A 346 3.54 2.62 10.33
C ALA A 346 3.78 1.94 11.68
N CYS A 347 2.70 1.70 12.43
CA CYS A 347 2.84 1.04 13.73
C CYS A 347 3.52 -0.31 13.60
N LEU A 348 3.09 -1.13 12.64
CA LEU A 348 3.71 -2.45 12.46
C LEU A 348 5.19 -2.31 12.08
N ASN A 349 5.48 -1.43 11.11
CA ASN A 349 6.85 -1.30 10.65
C ASN A 349 7.79 -0.83 11.78
N LEU A 350 7.35 0.12 12.60
CA LEU A 350 8.17 0.55 13.71
C LEU A 350 8.27 -0.53 14.79
N TRP A 351 7.18 -1.24 15.06
CA TRP A 351 7.18 -2.32 16.04
C TRP A 351 8.11 -3.44 15.66
N LEU A 352 8.27 -3.72 14.37
CA LEU A 352 9.18 -4.79 13.95
C LEU A 352 10.63 -4.50 14.34
N ILE A 353 10.98 -3.24 14.59
CA ILE A 353 12.36 -2.90 14.98
C ILE A 353 12.74 -3.45 16.38
N ASP A 354 11.96 -3.15 17.42
CA ASP A 354 12.30 -3.53 18.79
CA ASP A 354 12.28 -3.51 18.81
C ASP A 354 11.11 -4.07 19.59
N ARG A 355 9.96 -4.26 18.95
CA ARG A 355 8.79 -4.77 19.63
C ARG A 355 8.29 -3.91 20.80
N ASP A 356 8.39 -2.60 20.65
CA ASP A 356 7.95 -1.69 21.69
C ASP A 356 6.40 -1.79 21.85
N PRO A 357 5.89 -2.13 23.05
CA PRO A 357 4.46 -2.24 23.25
C PRO A 357 3.66 -0.96 22.94
N ARG A 358 4.30 0.20 22.94
CA ARG A 358 3.60 1.42 22.60
C ARG A 358 2.89 1.32 21.24
N TYR A 359 3.52 0.68 20.27
CA TYR A 359 2.93 0.60 18.93
C TYR A 359 1.69 -0.28 18.94
N ARG A 360 1.68 -1.33 19.76
CA ARG A 360 0.47 -2.15 19.94
C ARG A 360 -0.66 -1.33 20.55
N ARG A 361 -0.34 -0.53 21.57
N ARG A 361 -0.35 -0.53 21.57
CA ARG A 361 -1.33 0.34 22.20
CA ARG A 361 -1.34 0.35 22.24
CA ARG A 361 -1.33 0.32 22.20
C ARG A 361 -2.01 1.26 21.19
C ARG A 361 -2.00 1.27 21.19
N LEU A 362 -1.18 1.89 20.34
CA LEU A 362 -1.68 2.86 19.37
C LEU A 362 -2.51 2.17 18.27
N ALA A 363 -2.06 0.99 17.83
CA ALA A 363 -2.79 0.25 16.81
C ALA A 363 -4.12 -0.27 17.37
N ALA A 364 -4.16 -0.61 18.66
CA ALA A 364 -5.41 -1.08 19.27
C ALA A 364 -6.44 0.05 19.29
N ILE A 365 -6.01 1.28 19.57
CA ILE A 365 -6.92 2.41 19.48
C ILE A 365 -7.52 2.47 18.07
N HIS A 366 -6.65 2.35 17.06
CA HIS A 366 -7.05 2.46 15.66
C HIS A 366 -8.04 1.36 15.28
N TYR A 367 -7.75 0.11 15.67
CA TYR A 367 -8.68 -0.99 15.40
C TYR A 367 -10.03 -0.76 16.07
N ARG A 368 -10.01 -0.39 17.35
CA ARG A 368 -11.26 -0.17 18.06
C ARG A 368 -12.05 0.98 17.43
N GLU A 369 -11.36 2.01 16.95
CA GLU A 369 -12.04 3.12 16.30
C GLU A 369 -12.66 2.69 14.98
N MET A 370 -11.97 1.82 14.24
CA MET A 370 -12.54 1.24 13.02
C MET A 370 -13.85 0.53 13.35
N LYS A 371 -13.84 -0.31 14.39
CA LYS A 371 -15.05 -1.02 14.81
CA LYS A 371 -15.05 -1.02 14.81
C LYS A 371 -16.16 -0.06 15.21
N ALA A 372 -15.81 1.05 15.85
CA ALA A 372 -16.79 2.01 16.36
C ALA A 372 -17.40 2.91 15.28
N THR A 373 -16.78 2.98 14.10
CA THR A 373 -17.17 3.93 13.07
C THR A 373 -17.56 3.31 11.73
N SER A 374 -16.86 2.27 11.31
CA SER A 374 -16.96 1.73 9.96
C SER A 374 -17.74 0.42 9.84
N ARG A 375 -18.23 -0.15 10.94
CA ARG A 375 -18.92 -1.43 10.83
C ARG A 375 -20.31 -1.20 10.22
N ALA A 376 -20.65 -2.02 9.24
CA ALA A 376 -21.91 -1.95 8.54
C ALA A 376 -22.55 -3.34 8.51
N ALA A 377 -23.68 -3.47 7.80
CA ALA A 377 -24.43 -4.72 7.85
C ALA A 377 -23.63 -5.91 7.33
N PHE A 378 -22.86 -5.70 6.26
CA PHE A 378 -22.21 -6.80 5.54
C PHE A 378 -20.69 -6.62 5.44
N GLY A 379 -20.10 -5.83 6.32
CA GLY A 379 -18.66 -5.59 6.30
C GLY A 379 -18.33 -4.22 6.85
N TYR A 380 -17.20 -3.71 6.40
CA TYR A 380 -16.62 -2.44 6.87
C TYR A 380 -16.57 -1.43 5.74
N THR A 381 -16.92 -0.18 6.04
CA THR A 381 -17.09 0.83 5.02
C THR A 381 -16.31 2.12 5.29
N ALA A 382 -15.94 2.77 4.20
CA ALA A 382 -15.43 4.13 4.20
C ALA A 382 -16.50 5.12 4.72
N LEU A 383 -16.02 6.27 5.20
CA LEU A 383 -16.88 7.24 5.86
C LEU A 383 -17.18 8.46 5.01
N LYS A 384 -18.38 8.97 5.24
CA LYS A 384 -18.91 10.19 4.61
C LYS A 384 -18.47 11.46 5.35
N ASP A 385 -18.50 11.42 6.68
CA ASP A 385 -18.29 12.65 7.46
C ASP A 385 -17.81 12.27 8.85
N ILE A 386 -16.54 12.56 9.12
CA ILE A 386 -15.95 12.27 10.42
C ILE A 386 -16.30 13.33 11.47
N THR A 387 -17.00 14.39 11.07
CA THR A 387 -17.31 15.48 11.99
C THR A 387 -18.70 15.35 12.63
N THR A 388 -19.59 14.51 12.10
CA THR A 388 -20.88 14.27 12.73
C THR A 388 -20.73 13.23 13.84
N ARG A 389 -21.70 13.18 14.73
CA ARG A 389 -21.73 12.20 15.79
C ARG A 389 -23.11 11.56 15.80
N PRO A 390 -23.22 10.29 15.39
CA PRO A 390 -22.14 9.43 14.93
CA PRO A 390 -22.16 9.42 14.91
C PRO A 390 -21.60 9.88 13.58
N MET A 391 -20.40 9.43 13.26
CA MET A 391 -19.82 9.70 11.95
C MET A 391 -20.69 9.03 10.90
N THR A 392 -20.99 9.73 9.82
CA THR A 392 -21.83 9.15 8.79
CA THR A 392 -21.84 9.19 8.78
C THR A 392 -20.97 8.33 7.83
N GLN A 393 -21.58 7.31 7.25
CA GLN A 393 -20.92 6.32 6.41
C GLN A 393 -21.24 6.51 4.94
N ASP A 394 -20.24 6.24 4.11
CA ASP A 394 -20.45 5.99 2.71
C ASP A 394 -20.70 4.49 2.54
N ASP A 395 -20.56 3.92 1.37
CA ASP A 395 -20.95 2.53 1.13
C ASP A 395 -19.93 1.85 0.21
N ASN A 396 -18.77 1.51 0.79
CA ASN A 396 -17.71 0.86 0.02
C ASN A 396 -16.67 0.31 0.97
N CYS A 397 -16.28 -0.95 0.76
CA CYS A 397 -15.12 -1.53 1.41
C CYS A 397 -14.00 -1.54 0.36
N PRO A 398 -12.99 -0.68 0.48
CA PRO A 398 -11.94 -0.65 -0.54
CA PRO A 398 -11.94 -0.67 -0.55
C PRO A 398 -11.16 -1.99 -0.55
N GLY A 399 -10.70 -2.41 -1.73
CA GLY A 399 -9.97 -3.66 -1.82
C GLY A 399 -8.79 -3.74 -0.88
N TYR A 400 -8.10 -2.62 -0.65
CA TYR A 400 -6.93 -2.63 0.21
C TYR A 400 -7.25 -2.99 1.66
N TRP A 401 -8.47 -2.81 2.13
CA TRP A 401 -8.81 -3.20 3.49
C TRP A 401 -8.53 -4.69 3.72
N TRP A 402 -8.76 -5.49 2.67
CA TRP A 402 -8.65 -6.95 2.77
C TRP A 402 -7.19 -7.38 2.88
N SER A 403 -6.26 -6.60 2.33
CA SER A 403 -4.85 -6.94 2.40
C SER A 403 -4.13 -6.23 3.57
N GLU A 404 -4.55 -5.01 3.89
CA GLU A 404 -3.76 -4.14 4.75
C GLU A 404 -4.18 -4.15 6.23
N GLN A 405 -5.14 -3.33 6.67
CA GLN A 405 -5.14 -3.06 8.12
C GLN A 405 -5.51 -4.28 8.95
N MET A 406 -6.40 -5.16 8.48
CA MET A 406 -6.70 -6.33 9.29
C MET A 406 -5.45 -7.22 9.43
N LYS A 407 -4.67 -7.34 8.36
CA LYS A 407 -3.38 -8.02 8.45
C LYS A 407 -2.44 -7.30 9.42
N TYR A 408 -2.34 -5.97 9.35
CA TYR A 408 -1.45 -5.25 10.25
C TYR A 408 -1.84 -5.50 11.71
N TYR A 409 -3.12 -5.35 12.02
CA TYR A 409 -3.58 -5.57 13.39
C TYR A 409 -3.23 -7.00 13.80
N TYR A 410 -3.55 -7.97 12.94
CA TYR A 410 -3.32 -9.36 13.31
C TYR A 410 -1.84 -9.65 13.50
N LEU A 411 -0.98 -9.12 12.63
CA LEU A 411 0.46 -9.32 12.81
C LEU A 411 0.96 -8.68 14.11
N LEU A 412 0.44 -7.50 14.44
CA LEU A 412 0.82 -6.81 15.67
C LEU A 412 0.38 -7.55 16.92
N PHE A 413 -0.75 -8.25 16.88
CA PHE A 413 -1.35 -8.79 18.11
C PHE A 413 -1.16 -10.30 18.29
N SER A 414 -1.02 -11.04 17.19
CA SER A 414 -1.15 -12.50 17.23
C SER A 414 0.10 -13.28 17.55
N ASP A 415 1.28 -12.72 17.29
CA ASP A 415 2.54 -13.48 17.32
C ASP A 415 2.37 -14.84 16.63
N THR A 416 1.74 -14.84 15.47
CA THR A 416 1.41 -16.09 14.82
C THR A 416 2.65 -16.90 14.44
N PRO A 417 2.62 -18.23 14.64
CA PRO A 417 3.73 -19.07 14.18
C PRO A 417 3.78 -19.22 12.66
N ARG A 418 2.76 -18.76 11.94
CA ARG A 418 2.75 -18.84 10.47
C ARG A 418 3.66 -17.81 9.80
N ILE A 419 4.23 -16.88 10.57
CA ILE A 419 5.12 -15.87 10.02
C ILE A 419 6.43 -15.90 10.79
N ASP A 420 7.54 -15.85 10.03
CA ASP A 420 8.88 -15.61 10.58
C ASP A 420 9.03 -14.09 10.62
N TYR A 421 8.82 -13.52 11.81
CA TYR A 421 8.76 -12.07 11.94
C TYR A 421 10.10 -11.42 11.59
N GLY A 422 11.22 -12.14 11.77
CA GLY A 422 12.52 -11.60 11.40
C GLY A 422 12.76 -11.50 9.90
N GLN A 423 12.05 -12.31 9.12
CA GLN A 423 12.17 -12.33 7.66
C GLN A 423 11.00 -11.64 6.95
N LEU A 424 9.98 -11.24 7.69
CA LEU A 424 8.75 -10.67 7.13
C LEU A 424 9.07 -9.45 6.28
N GLN A 425 8.55 -9.45 5.06
CA GLN A 425 8.61 -8.31 4.13
C GLN A 425 7.21 -8.11 3.57
N LEU A 426 6.78 -6.85 3.55
CA LEU A 426 5.47 -6.46 3.08
C LEU A 426 5.58 -5.46 1.93
N SER A 427 4.75 -5.64 0.89
CA SER A 427 4.66 -4.68 -0.19
C SER A 427 3.90 -3.44 0.30
N THR A 428 3.75 -2.44 -0.58
CA THR A 428 3.01 -1.23 -0.17
C THR A 428 1.50 -1.48 -0.03
N GLU A 429 1.04 -2.64 -0.52
CA GLU A 429 -0.33 -3.14 -0.39
C GLU A 429 -0.42 -4.22 0.70
N ALA A 430 0.66 -4.35 1.49
CA ALA A 430 0.80 -5.33 2.57
C ALA A 430 0.82 -6.77 2.08
N ASN A 431 1.09 -7.01 0.78
CA ASN A 431 1.30 -8.39 0.37
C ASN A 431 2.61 -8.90 0.94
N VAL A 432 2.54 -10.06 1.58
CA VAL A 432 3.72 -10.66 2.18
C VAL A 432 4.54 -11.31 1.07
N LEU A 433 5.77 -10.81 0.94
CA LEU A 433 6.68 -11.24 -0.12
C LEU A 433 7.87 -12.04 0.43
N ARG A 434 7.95 -12.18 1.75
CA ARG A 434 8.93 -13.03 2.41
C ARG A 434 8.43 -13.24 3.84
N GLY A 435 8.73 -14.41 4.39
CA GLY A 435 8.47 -14.69 5.79
C GLY A 435 7.38 -15.69 6.11
N PHE A 436 6.77 -16.34 5.11
CA PHE A 436 5.81 -17.38 5.44
C PHE A 436 6.52 -18.59 6.04
N ARG A 437 5.94 -19.16 7.10
CA ARG A 437 6.40 -20.40 7.70
CA ARG A 437 6.40 -20.40 7.71
C ARG A 437 5.26 -21.40 7.53
N LYS A 438 5.40 -22.24 6.54
CA LYS A 438 4.37 -23.22 6.26
C LYS A 438 4.14 -24.20 7.43
N VAL A 439 2.91 -24.68 7.51
CA VAL A 439 2.48 -25.56 8.59
C VAL A 439 2.89 -26.99 8.29
#